data_2OS9
#
_entry.id   2OS9
#
_cell.length_a   55.564
_cell.length_b   108.692
_cell.length_c   55.774
_cell.angle_alpha   90.00
_cell.angle_beta   91.49
_cell.angle_gamma   90.00
#
_symmetry.space_group_name_H-M   'P 1 21 1'
#
loop_
_entity.id
_entity.type
_entity.pdbx_description
1 polymer 'Pulmonary surfactant-associated protein D'
2 non-polymer 'CALCIUM ION'
3 non-polymer 1,2,3,4,5,6-HEXAHYDROXY-CYCLOHEXANE
4 water water
#
_entity_poly.entity_id   1
_entity_poly.type   'polypeptide(L)'
_entity_poly.pdbx_seq_one_letter_code
;AMADIGSDVASLRQQVEALQGQVQHLQAAFSQYKKVELFPNGQSVGEKIFKTAGFVKPFTEAQLLCTQAGGQLASPRSAA
ENAALQQLVVAKNEAAFLSMTDSKTEGKFTYPTGESLVYSNWAPGEPNDDGGSEDCVEIFTNGKWNDRACGEKRLVVCEF
;
_entity_poly.pdbx_strand_id   A,B,C
#
# COMPACT_ATOMS: atom_id res chain seq x y z
N ALA A 10 -22.86 20.16 -31.63
CA ALA A 10 -21.62 20.85 -32.14
C ALA A 10 -20.67 21.18 -31.00
N SER A 11 -21.15 21.96 -30.03
CA SER A 11 -20.36 22.27 -28.84
C SER A 11 -20.61 21.23 -27.74
N LEU A 12 -21.86 20.83 -27.59
CA LEU A 12 -22.28 19.92 -26.52
C LEU A 12 -21.91 18.46 -26.79
N ARG A 13 -22.02 18.03 -28.04
CA ARG A 13 -21.67 16.65 -28.43
C ARG A 13 -20.16 16.40 -28.34
N GLN A 14 -19.37 17.41 -28.72
CA GLN A 14 -17.92 17.32 -28.66
C GLN A 14 -17.39 17.40 -27.23
N GLN A 15 -18.10 18.14 -26.37
CA GLN A 15 -17.81 18.17 -24.94
C GLN A 15 -18.01 16.80 -24.29
N VAL A 16 -19.06 16.09 -24.72
CA VAL A 16 -19.35 14.72 -24.28
C VAL A 16 -18.24 13.78 -24.73
N GLU A 17 -17.82 13.92 -25.98
CA GLU A 17 -16.74 13.14 -26.54
C GLU A 17 -15.43 13.35 -25.76
N ALA A 18 -15.08 14.61 -25.52
CA ALA A 18 -13.87 14.98 -24.79
C ALA A 18 -13.90 14.50 -23.35
N LEU A 19 -15.03 14.71 -22.69
CA LEU A 19 -15.21 14.33 -21.30
C LEU A 19 -15.12 12.82 -21.11
N GLN A 20 -15.62 12.08 -22.10
CA GLN A 20 -15.64 10.62 -22.02
C GLN A 20 -14.27 9.99 -22.27
N GLY A 21 -13.46 10.64 -23.11
CA GLY A 21 -12.06 10.26 -23.29
C GLY A 21 -11.30 10.43 -21.98
N GLN A 22 -11.55 11.53 -21.29
CA GLN A 22 -10.98 11.80 -19.96
C GLN A 22 -11.39 10.79 -18.90
N VAL A 23 -12.69 10.46 -18.87
CA VAL A 23 -13.20 9.45 -17.92
C VAL A 23 -12.60 8.09 -18.23
N GLN A 24 -12.50 7.75 -19.51
CA GLN A 24 -11.94 6.44 -19.89
C GLN A 24 -10.43 6.35 -19.59
N HIS A 25 -9.73 7.47 -19.70
CA HIS A 25 -8.32 7.52 -19.30
C HIS A 25 -8.21 7.38 -17.78
N LEU A 26 -9.13 8.02 -17.07
CA LEU A 26 -9.20 7.87 -15.61
C LEU A 26 -9.53 6.43 -15.22
N GLN A 27 -10.48 5.81 -15.91
CA GLN A 27 -10.81 4.41 -15.66
C GLN A 27 -9.60 3.52 -15.81
N ALA A 28 -8.78 3.81 -16.83
CA ALA A 28 -7.61 2.96 -17.11
C ALA A 28 -6.54 3.14 -16.04
N ALA A 29 -6.29 4.40 -15.68
CA ALA A 29 -5.28 4.71 -14.64
C ALA A 29 -5.74 4.17 -13.30
N PHE A 30 -7.01 4.35 -12.98
CA PHE A 30 -7.54 3.77 -11.76
C PHE A 30 -7.40 2.25 -11.69
N SER A 31 -7.69 1.54 -12.78
CA SER A 31 -7.56 0.12 -12.81
C SER A 31 -6.13 -0.33 -12.54
N GLN A 32 -5.18 0.38 -13.13
CA GLN A 32 -3.77 0.07 -12.94
C GLN A 32 -3.38 0.30 -11.47
N TYR A 33 -3.71 1.47 -10.94
CA TYR A 33 -3.40 1.80 -9.53
C TYR A 33 -4.09 0.84 -8.53
N LYS A 34 -5.26 0.34 -8.90
CA LYS A 34 -5.93 -0.65 -8.07
C LYS A 34 -5.15 -1.97 -7.97
N LYS A 35 -4.64 -2.48 -9.10
CA LYS A 35 -3.80 -3.69 -9.06
C LYS A 35 -2.56 -3.46 -8.22
N VAL A 36 -1.92 -2.31 -8.41
CA VAL A 36 -0.74 -1.99 -7.62
C VAL A 36 -1.07 -1.97 -6.13
N GLU A 37 -2.19 -1.32 -5.79
CA GLU A 37 -2.56 -1.15 -4.38
C GLU A 37 -2.73 -2.49 -3.68
N LEU A 38 -3.31 -3.46 -4.38
CA LEU A 38 -3.63 -4.76 -3.77
C LEU A 38 -2.44 -5.71 -3.67
N PHE A 39 -1.35 -5.39 -4.38
CA PHE A 39 -0.17 -6.22 -4.30
C PHE A 39 0.75 -5.71 -3.20
N PRO A 40 1.15 -6.55 -2.23
CA PRO A 40 0.83 -7.96 -1.99
C PRO A 40 -0.13 -8.21 -0.83
N ASN A 41 -0.75 -7.15 -0.27
CA ASN A 41 -1.49 -7.30 0.98
C ASN A 41 -2.99 -7.23 0.88
N GLY A 42 -3.50 -7.21 -0.36
CA GLY A 42 -4.94 -7.12 -0.59
C GLY A 42 -5.45 -8.17 -1.55
N GLN A 43 -6.75 -8.38 -1.56
CA GLN A 43 -7.40 -9.28 -2.53
C GLN A 43 -8.79 -8.76 -2.83
N SER A 44 -9.12 -8.61 -4.11
CA SER A 44 -10.47 -8.20 -4.48
C SER A 44 -11.31 -9.44 -4.81
N VAL A 45 -12.60 -9.39 -4.48
CA VAL A 45 -13.52 -10.46 -4.82
C VAL A 45 -14.89 -9.83 -4.97
N GLY A 46 -15.44 -9.90 -6.18
CA GLY A 46 -16.65 -9.13 -6.50
C GLY A 46 -16.44 -7.66 -6.20
N GLU A 47 -17.32 -7.08 -5.38
CA GLU A 47 -17.21 -5.66 -5.05
C GLU A 47 -16.50 -5.44 -3.72
N LYS A 48 -16.02 -6.53 -3.13
CA LYS A 48 -15.39 -6.51 -1.80
C LYS A 48 -13.87 -6.48 -1.93
N ILE A 49 -13.19 -5.80 -1.00
CA ILE A 49 -11.73 -5.81 -1.00
C ILE A 49 -11.25 -6.18 0.41
N PHE A 50 -10.43 -7.23 0.50
CA PHE A 50 -9.75 -7.57 1.76
C PHE A 50 -8.38 -6.94 1.75
N LYS A 51 -7.97 -6.40 2.90
CA LYS A 51 -6.61 -5.93 3.04
C LYS A 51 -6.10 -6.27 4.43
N THR A 52 -4.90 -6.86 4.50
CA THR A 52 -4.27 -7.15 5.78
C THR A 52 -3.38 -5.99 6.26
N ALA A 53 -3.36 -5.80 7.57
CA ALA A 53 -2.49 -4.83 8.24
C ALA A 53 -1.07 -5.41 8.33
N GLY A 54 -0.96 -6.74 8.23
CA GLY A 54 0.35 -7.41 8.22
C GLY A 54 0.89 -7.73 9.61
N PHE A 55 0.09 -7.47 10.64
CA PHE A 55 0.43 -7.85 12.02
C PHE A 55 -0.74 -8.52 12.75
N VAL A 56 -0.44 -9.09 13.92
CA VAL A 56 -1.47 -9.75 14.74
C VAL A 56 -1.94 -8.84 15.89
N LYS A 57 -3.19 -9.01 16.28
CA LYS A 57 -3.79 -8.28 17.40
C LYS A 57 -4.91 -9.14 18.03
N PRO A 58 -5.24 -8.90 19.32
CA PRO A 58 -6.46 -9.52 19.88
C PRO A 58 -7.70 -9.00 19.15
N PHE A 59 -8.81 -9.72 19.26
CA PHE A 59 -10.02 -9.37 18.49
C PHE A 59 -10.49 -7.93 18.70
N THR A 60 -10.63 -7.50 19.95
CA THR A 60 -11.18 -6.16 20.18
C THR A 60 -10.31 -5.10 19.49
N GLU A 61 -8.99 -5.25 19.61
CA GLU A 61 -8.04 -4.33 18.96
C GLU A 61 -8.16 -4.39 17.44
N ALA A 62 -8.25 -5.62 16.90
CA ALA A 62 -8.39 -5.84 15.45
C ALA A 62 -9.67 -5.22 14.89
N GLN A 63 -10.78 -5.49 15.57
CA GLN A 63 -12.07 -4.93 15.23
C GLN A 63 -12.04 -3.38 15.21
N LEU A 64 -11.43 -2.78 16.23
CA LEU A 64 -11.33 -1.32 16.27
C LEU A 64 -10.52 -0.75 15.10
N LEU A 65 -9.42 -1.41 14.75
CA LEU A 65 -8.58 -0.94 13.64
C LEU A 65 -9.41 -0.91 12.35
N CYS A 66 -10.15 -1.98 12.08
CA CYS A 66 -10.96 -2.02 10.87
C CYS A 66 -12.08 -0.98 10.85
N THR A 67 -12.78 -0.85 11.98
CA THR A 67 -13.92 0.09 12.04
C THR A 67 -13.39 1.52 11.93
N GLN A 68 -12.29 1.84 12.60
CA GLN A 68 -11.71 3.18 12.52
C GLN A 68 -11.27 3.51 11.09
N ALA A 69 -10.90 2.46 10.34
CA ALA A 69 -10.49 2.62 8.94
C ALA A 69 -11.68 2.69 7.96
N GLY A 70 -12.91 2.66 8.48
CA GLY A 70 -14.09 2.71 7.63
C GLY A 70 -14.53 1.39 7.03
N GLY A 71 -14.00 0.28 7.56
CA GLY A 71 -14.45 -1.03 7.10
C GLY A 71 -14.90 -1.88 8.28
N GLN A 72 -14.67 -3.18 8.15
CA GLN A 72 -14.94 -4.12 9.22
C GLN A 72 -14.00 -5.32 9.11
N LEU A 73 -13.95 -6.15 10.15
CA LEU A 73 -13.14 -7.36 10.09
C LEU A 73 -13.65 -8.23 8.95
N ALA A 74 -12.74 -9.02 8.40
CA ALA A 74 -13.07 -9.87 7.28
C ALA A 74 -14.31 -10.73 7.60
N SER A 75 -15.25 -10.73 6.66
CA SER A 75 -16.56 -11.37 6.83
C SER A 75 -16.92 -12.14 5.57
N PRO A 76 -16.24 -13.29 5.33
CA PRO A 76 -16.52 -14.06 4.12
C PRO A 76 -17.94 -14.60 4.11
N ARG A 77 -18.67 -14.29 3.04
CA ARG A 77 -20.09 -14.56 2.95
C ARG A 77 -20.37 -15.63 1.88
N SER A 78 -19.31 -16.19 1.31
CA SER A 78 -19.38 -17.20 0.24
C SER A 78 -18.07 -17.94 0.08
N ALA A 79 -18.11 -19.08 -0.63
CA ALA A 79 -16.91 -19.86 -0.87
C ALA A 79 -15.86 -19.04 -1.64
N ALA A 80 -16.33 -18.23 -2.59
CA ALA A 80 -15.44 -17.36 -3.39
C ALA A 80 -14.78 -16.32 -2.49
N GLU A 81 -15.57 -15.68 -1.64
CA GLU A 81 -15.00 -14.73 -0.65
C GLU A 81 -14.01 -15.42 0.31
N ASN A 82 -14.37 -16.61 0.79
CA ASN A 82 -13.48 -17.34 1.67
C ASN A 82 -12.13 -17.70 1.02
N ALA A 83 -12.19 -18.08 -0.25
CA ALA A 83 -10.99 -18.45 -1.00
C ALA A 83 -10.06 -17.24 -1.20
N ALA A 84 -10.67 -16.07 -1.44
CA ALA A 84 -9.92 -14.80 -1.58
C ALA A 84 -9.19 -14.46 -0.29
N LEU A 85 -9.92 -14.53 0.83
CA LEU A 85 -9.33 -14.28 2.12
C LEU A 85 -8.22 -15.30 2.43
N GLN A 86 -8.46 -16.56 2.12
CA GLN A 86 -7.48 -17.61 2.37
C GLN A 86 -6.13 -17.33 1.70
N GLN A 87 -6.17 -16.74 0.51
CA GLN A 87 -4.92 -16.28 -0.16
C GLN A 87 -4.00 -15.41 0.72
N LEU A 88 -4.57 -14.40 1.41
CA LEU A 88 -3.80 -13.53 2.30
C LEU A 88 -3.29 -14.25 3.53
N VAL A 89 -4.13 -15.10 4.08
CA VAL A 89 -3.75 -15.88 5.25
C VAL A 89 -2.54 -16.75 4.87
N VAL A 90 -2.65 -17.39 3.71
CA VAL A 90 -1.59 -18.29 3.18
C VAL A 90 -0.33 -17.45 2.91
N ALA A 91 -0.50 -16.31 2.24
CA ALA A 91 0.64 -15.43 1.91
C ALA A 91 1.38 -14.94 3.16
N LYS A 92 0.64 -14.59 4.21
CA LYS A 92 1.21 -14.17 5.50
C LYS A 92 1.61 -15.35 6.38
N ASN A 93 1.09 -16.52 6.07
CA ASN A 93 1.23 -17.72 6.91
C ASN A 93 0.81 -17.46 8.37
N GLU A 94 -0.33 -16.78 8.54
CA GLU A 94 -0.84 -16.42 9.86
C GLU A 94 -2.36 -16.50 9.81
N ALA A 95 -2.94 -17.36 10.65
CA ALA A 95 -4.40 -17.39 10.75
C ALA A 95 -4.93 -16.01 11.15
N ALA A 96 -6.13 -15.69 10.67
CA ALA A 96 -6.73 -14.37 10.81
C ALA A 96 -8.08 -14.43 11.52
N PHE A 97 -8.39 -13.41 12.33
CA PHE A 97 -9.76 -13.27 12.84
C PHE A 97 -10.75 -12.92 11.75
N LEU A 98 -11.94 -13.50 11.86
CA LEU A 98 -13.10 -13.01 11.15
C LEU A 98 -13.91 -12.08 12.05
N SER A 99 -14.97 -11.48 11.52
CA SER A 99 -15.69 -10.43 12.27
C SER A 99 -16.68 -11.05 13.26
N MET A 100 -17.00 -12.32 13.06
CA MET A 100 -18.21 -12.90 13.64
C MET A 100 -17.95 -13.48 15.02
N THR A 101 -18.94 -13.35 15.90
CA THR A 101 -18.84 -13.84 17.28
C THR A 101 -20.14 -14.48 17.74
N ASP A 102 -20.06 -15.31 18.78
CA ASP A 102 -21.29 -15.78 19.45
C ASP A 102 -21.35 -15.29 20.90
N SER A 103 -20.84 -14.08 21.13
CA SER A 103 -20.80 -13.47 22.46
C SER A 103 -22.22 -13.24 23.04
N LYS A 104 -23.16 -12.87 22.19
CA LYS A 104 -24.53 -12.56 22.63
C LYS A 104 -25.34 -13.82 23.01
N THR A 105 -25.32 -14.83 22.14
CA THR A 105 -25.98 -16.11 22.39
C THR A 105 -25.00 -17.19 22.04
N GLU A 106 -24.47 -17.84 23.07
CA GLU A 106 -23.54 -18.94 22.87
C GLU A 106 -24.03 -19.93 21.81
N GLY A 107 -23.16 -20.23 20.85
CA GLY A 107 -23.47 -21.17 19.79
C GLY A 107 -24.09 -20.55 18.54
N LYS A 108 -24.48 -19.29 18.63
CA LYS A 108 -25.08 -18.64 17.48
C LYS A 108 -24.17 -17.51 17.00
N PHE A 109 -23.40 -17.80 15.96
CA PHE A 109 -22.46 -16.83 15.45
C PHE A 109 -23.15 -15.80 14.56
N THR A 110 -22.80 -14.54 14.78
CA THR A 110 -23.40 -13.43 14.06
C THR A 110 -22.34 -12.45 13.53
N TYR A 111 -22.72 -11.74 12.46
CA TYR A 111 -21.94 -10.61 11.97
C TYR A 111 -22.13 -9.42 12.94
N PRO A 112 -21.26 -8.39 12.84
CA PRO A 112 -21.37 -7.20 13.69
C PRO A 112 -22.76 -6.55 13.74
N THR A 113 -23.51 -6.66 12.65
CA THR A 113 -24.89 -6.14 12.58
C THR A 113 -25.89 -7.00 13.37
N GLY A 114 -25.46 -8.20 13.80
CA GLY A 114 -26.35 -9.09 14.55
C GLY A 114 -27.05 -10.16 13.71
N GLU A 115 -26.92 -10.07 12.39
CA GLU A 115 -27.46 -11.06 11.46
C GLU A 115 -26.73 -12.41 11.62
N SER A 116 -27.49 -13.51 11.57
CA SER A 116 -26.93 -14.88 11.60
C SER A 116 -26.14 -15.19 10.33
N LEU A 117 -25.17 -16.10 10.45
CA LEU A 117 -24.31 -16.46 9.31
C LEU A 117 -25.09 -16.94 8.09
N VAL A 118 -24.66 -16.50 6.92
CA VAL A 118 -25.21 -16.96 5.63
C VAL A 118 -24.26 -17.97 4.93
N TYR A 119 -23.04 -18.07 5.45
CA TYR A 119 -22.00 -18.99 4.99
C TYR A 119 -21.14 -19.40 6.17
N SER A 120 -20.69 -20.66 6.18
CA SER A 120 -19.67 -21.07 7.14
C SER A 120 -18.70 -22.07 6.52
N ASN A 121 -17.51 -22.17 7.08
CA ASN A 121 -16.51 -23.15 6.63
C ASN A 121 -15.77 -23.82 7.79
N TRP A 122 -16.53 -24.32 8.76
CA TRP A 122 -15.95 -24.86 9.97
C TRP A 122 -15.11 -26.10 9.75
N ALA A 123 -13.96 -26.15 10.42
CA ALA A 123 -13.13 -27.35 10.44
C ALA A 123 -13.95 -28.46 11.10
N PRO A 124 -13.68 -29.73 10.75
CA PRO A 124 -14.30 -30.85 11.47
C PRO A 124 -14.20 -30.72 12.99
N GLY A 125 -15.32 -30.90 13.68
CA GLY A 125 -15.39 -30.79 15.14
C GLY A 125 -15.72 -29.40 15.66
N GLU A 126 -15.74 -28.43 14.74
CA GLU A 126 -15.93 -27.01 15.12
C GLU A 126 -17.29 -26.48 14.68
N PRO A 127 -17.80 -25.44 15.36
CA PRO A 127 -17.27 -24.78 16.55
C PRO A 127 -17.55 -25.61 17.79
N ASN A 128 -16.63 -25.62 18.73
CA ASN A 128 -16.76 -26.48 19.90
C ASN A 128 -16.76 -25.76 21.26
N ASP A 129 -16.63 -24.43 21.23
CA ASP A 129 -16.54 -23.63 22.45
C ASP A 129 -15.55 -24.26 23.46
N ASP A 130 -14.32 -24.51 23.01
CA ASP A 130 -13.37 -25.31 23.80
C ASP A 130 -12.96 -24.54 25.04
N GLY A 131 -12.86 -25.23 26.17
CA GLY A 131 -12.58 -24.58 27.43
C GLY A 131 -13.73 -23.76 27.97
N GLY A 132 -14.85 -23.71 27.23
CA GLY A 132 -16.05 -22.97 27.64
C GLY A 132 -16.04 -21.49 27.30
N SER A 133 -15.10 -21.08 26.46
CA SER A 133 -14.87 -19.65 26.19
C SER A 133 -14.19 -19.38 24.85
N GLU A 134 -14.82 -19.86 23.79
CA GLU A 134 -14.37 -19.53 22.44
C GLU A 134 -15.49 -18.85 21.68
N ASP A 135 -15.44 -17.51 21.66
CA ASP A 135 -16.53 -16.72 21.09
C ASP A 135 -16.16 -15.95 19.82
N CYS A 136 -14.89 -16.05 19.41
CA CYS A 136 -14.42 -15.49 18.14
C CYS A 136 -14.08 -16.58 17.11
N VAL A 137 -13.76 -16.16 15.88
CA VAL A 137 -13.56 -17.11 14.79
C VAL A 137 -12.22 -16.79 14.10
N GLU A 138 -11.41 -17.82 13.90
CA GLU A 138 -10.18 -17.69 13.10
C GLU A 138 -10.33 -18.51 11.83
N ILE A 139 -9.68 -18.03 10.76
CA ILE A 139 -9.54 -18.77 9.51
C ILE A 139 -8.09 -19.23 9.36
N PHE A 140 -7.92 -20.53 9.14
CA PHE A 140 -6.61 -21.15 8.97
C PHE A 140 -6.07 -20.98 7.56
N THR A 141 -4.78 -21.32 7.38
CA THR A 141 -4.17 -21.30 6.06
C THR A 141 -4.84 -22.27 5.08
N ASN A 142 -5.55 -23.28 5.60
CA ASN A 142 -6.33 -24.16 4.72
C ASN A 142 -7.76 -23.68 4.44
N GLY A 143 -8.06 -22.44 4.87
CA GLY A 143 -9.36 -21.85 4.60
C GLY A 143 -10.45 -22.24 5.57
N LYS A 144 -10.23 -23.26 6.39
CA LYS A 144 -11.23 -23.70 7.36
C LYS A 144 -11.27 -22.82 8.60
N TRP A 145 -12.42 -22.80 9.26
CA TRP A 145 -12.64 -21.98 10.44
C TRP A 145 -12.64 -22.75 11.76
N ASN A 146 -12.20 -22.07 12.81
CA ASN A 146 -12.22 -22.59 14.16
C ASN A 146 -12.65 -21.48 15.12
N ASP A 147 -13.54 -21.81 16.07
CA ASP A 147 -13.81 -20.84 17.11
C ASP A 147 -12.64 -20.81 18.08
N ARG A 148 -12.30 -19.60 18.50
CA ARG A 148 -11.10 -19.32 19.25
C ARG A 148 -11.40 -18.22 20.26
N ALA A 149 -10.69 -18.25 21.38
CA ALA A 149 -10.80 -17.21 22.39
C ALA A 149 -10.43 -15.85 21.78
N CYS A 150 -11.28 -14.87 22.05
CA CYS A 150 -11.13 -13.51 21.51
C CYS A 150 -9.87 -12.80 21.97
N GLY A 151 -9.31 -13.24 23.10
CA GLY A 151 -8.10 -12.67 23.67
C GLY A 151 -6.84 -13.08 22.95
N GLU A 152 -6.93 -14.11 22.12
CA GLU A 152 -5.79 -14.57 21.35
C GLU A 152 -5.44 -13.55 20.28
N LYS A 153 -4.20 -13.58 19.81
CA LYS A 153 -3.75 -12.65 18.76
C LYS A 153 -3.73 -13.34 17.40
N ARG A 154 -4.43 -12.73 16.41
CA ARG A 154 -4.49 -13.27 15.07
C ARG A 154 -4.25 -12.17 14.02
N LEU A 155 -3.91 -12.59 12.80
CA LEU A 155 -3.66 -11.64 11.71
C LEU A 155 -4.85 -10.72 11.54
N VAL A 156 -4.58 -9.42 11.39
CA VAL A 156 -5.66 -8.43 11.21
C VAL A 156 -5.94 -8.27 9.71
N VAL A 157 -7.14 -8.65 9.30
CA VAL A 157 -7.57 -8.46 7.91
C VAL A 157 -8.93 -7.79 7.91
N CYS A 158 -8.99 -6.62 7.28
CA CYS A 158 -10.23 -5.85 7.15
C CYS A 158 -10.83 -6.03 5.79
N GLU A 159 -12.14 -5.78 5.68
CA GLU A 159 -12.79 -5.71 4.39
C GLU A 159 -13.39 -4.31 4.17
N PHE A 160 -13.36 -3.90 2.90
CA PHE A 160 -13.87 -2.61 2.46
C PHE A 160 -14.75 -2.79 1.22
N ALA B 10 -30.56 21.33 -23.51
CA ALA B 10 -30.99 22.27 -22.43
C ALA B 10 -30.56 21.77 -21.05
N SER B 11 -31.32 20.81 -20.51
CA SER B 11 -30.98 20.18 -19.23
C SER B 11 -29.77 19.26 -19.35
N LEU B 12 -29.46 18.89 -20.60
CA LEU B 12 -28.25 18.14 -20.91
C LEU B 12 -26.99 19.00 -20.72
N ARG B 13 -27.12 20.32 -20.95
CA ARG B 13 -26.03 21.28 -20.72
C ARG B 13 -25.69 21.36 -19.23
N GLN B 14 -26.73 21.51 -18.41
CA GLN B 14 -26.61 21.40 -16.95
C GLN B 14 -25.83 20.14 -16.56
N GLN B 15 -26.17 19.02 -17.18
CA GLN B 15 -25.60 17.71 -16.87
C GLN B 15 -24.12 17.58 -17.25
N VAL B 16 -23.76 18.05 -18.43
CA VAL B 16 -22.37 17.98 -18.91
C VAL B 16 -21.45 18.85 -18.03
N GLU B 17 -21.92 20.04 -17.67
CA GLU B 17 -21.21 20.94 -16.76
C GLU B 17 -21.09 20.35 -15.35
N ALA B 18 -22.11 19.59 -14.95
CA ALA B 18 -22.09 18.88 -13.68
C ALA B 18 -21.00 17.80 -13.70
N LEU B 19 -20.96 17.01 -14.77
CA LEU B 19 -19.96 15.98 -14.93
C LEU B 19 -18.52 16.51 -15.01
N GLN B 20 -18.33 17.67 -15.65
CA GLN B 20 -17.01 18.29 -15.75
C GLN B 20 -16.47 18.59 -14.34
N GLY B 21 -17.32 19.12 -13.47
CA GLY B 21 -16.94 19.40 -12.09
C GLY B 21 -16.58 18.12 -11.30
N GLN B 22 -17.34 17.05 -11.52
CA GLN B 22 -17.09 15.80 -10.81
C GLN B 22 -15.79 15.14 -11.29
N VAL B 23 -15.57 15.21 -12.60
CA VAL B 23 -14.37 14.65 -13.20
C VAL B 23 -13.13 15.40 -12.71
N GLN B 24 -13.21 16.73 -12.67
CA GLN B 24 -12.09 17.55 -12.17
C GLN B 24 -11.72 17.15 -10.74
N HIS B 25 -12.73 16.97 -9.89
CA HIS B 25 -12.49 16.59 -8.50
C HIS B 25 -11.79 15.23 -8.44
N LEU B 26 -12.31 14.27 -9.18
CA LEU B 26 -11.67 12.94 -9.22
C LEU B 26 -10.24 13.00 -9.71
N GLN B 27 -9.99 13.76 -10.78
CA GLN B 27 -8.62 13.81 -11.32
C GLN B 27 -7.64 14.33 -10.27
N ALA B 28 -8.04 15.40 -9.60
CA ALA B 28 -7.22 16.05 -8.56
C ALA B 28 -7.01 15.13 -7.35
N ALA B 29 -8.09 14.51 -6.88
CA ALA B 29 -8.03 13.64 -5.70
C ALA B 29 -7.16 12.45 -6.00
N PHE B 30 -7.35 11.89 -7.20
CA PHE B 30 -6.60 10.71 -7.60
C PHE B 30 -5.11 11.04 -7.80
N SER B 31 -4.82 12.23 -8.34
CA SER B 31 -3.43 12.65 -8.51
C SER B 31 -2.65 12.58 -7.18
N GLN B 32 -3.32 12.98 -6.11
CA GLN B 32 -2.68 12.95 -4.79
C GLN B 32 -2.49 11.50 -4.33
N TYR B 33 -3.54 10.68 -4.49
CA TYR B 33 -3.45 9.29 -4.04
C TYR B 33 -2.39 8.48 -4.78
N LYS B 34 -2.11 8.84 -6.04
CA LYS B 34 -1.06 8.14 -6.79
C LYS B 34 0.28 8.25 -6.05
N LYS B 35 0.61 9.46 -5.59
CA LYS B 35 1.88 9.68 -4.89
C LYS B 35 1.91 8.94 -3.57
N VAL B 36 0.81 9.00 -2.84
CA VAL B 36 0.68 8.35 -1.55
C VAL B 36 0.84 6.83 -1.73
N GLU B 37 0.11 6.27 -2.70
CA GLU B 37 0.13 4.84 -2.92
C GLU B 37 1.54 4.31 -3.22
N LEU B 38 2.30 5.05 -4.04
CA LEU B 38 3.62 4.55 -4.48
C LEU B 38 4.70 4.73 -3.42
N PHE B 39 4.37 5.48 -2.37
CA PHE B 39 5.31 5.62 -1.26
C PHE B 39 5.11 4.49 -0.25
N PRO B 40 6.18 3.75 0.14
CA PRO B 40 7.58 3.80 -0.29
C PRO B 40 8.00 2.65 -1.22
N ASN B 41 7.04 1.85 -1.70
CA ASN B 41 7.36 0.56 -2.35
C ASN B 41 7.13 0.51 -3.85
N GLY B 42 6.74 1.64 -4.42
CA GLY B 42 6.47 1.73 -5.87
C GLY B 42 7.32 2.75 -6.60
N GLN B 43 7.40 2.61 -7.92
CA GLN B 43 8.10 3.55 -8.75
C GLN B 43 7.39 3.60 -10.08
N SER B 44 6.96 4.79 -10.49
CA SER B 44 6.36 5.00 -11.78
C SER B 44 7.42 5.39 -12.81
N VAL B 45 7.32 4.85 -14.02
CA VAL B 45 8.20 5.25 -15.11
C VAL B 45 7.42 5.11 -16.42
N GLY B 46 7.23 6.21 -17.14
CA GLY B 46 6.35 6.18 -18.31
C GLY B 46 4.98 5.73 -17.84
N GLU B 47 4.42 4.74 -18.55
CA GLU B 47 3.13 4.14 -18.26
C GLU B 47 3.20 2.89 -17.39
N LYS B 48 4.41 2.54 -16.95
CA LYS B 48 4.69 1.32 -16.18
C LYS B 48 4.84 1.67 -14.71
N ILE B 49 4.38 0.77 -13.83
CA ILE B 49 4.64 0.94 -12.39
C ILE B 49 5.30 -0.32 -11.87
N PHE B 50 6.45 -0.16 -11.20
CA PHE B 50 7.06 -1.25 -10.45
C PHE B 50 6.61 -1.19 -9.01
N LYS B 51 6.37 -2.33 -8.38
CA LYS B 51 5.97 -2.35 -6.96
C LYS B 51 6.65 -3.54 -6.31
N THR B 52 7.39 -3.29 -5.24
CA THR B 52 8.01 -4.41 -4.51
C THR B 52 7.11 -4.94 -3.40
N ALA B 53 7.15 -6.24 -3.21
CA ALA B 53 6.50 -6.90 -2.07
C ALA B 53 7.29 -6.67 -0.78
N GLY B 54 8.57 -6.30 -0.90
CA GLY B 54 9.40 -6.00 0.26
C GLY B 54 10.07 -7.21 0.87
N PHE B 55 9.86 -8.38 0.28
CA PHE B 55 10.51 -9.60 0.73
C PHE B 55 11.10 -10.40 -0.43
N VAL B 56 11.87 -11.43 -0.08
CA VAL B 56 12.54 -12.26 -1.07
C VAL B 56 11.83 -13.60 -1.25
N LYS B 57 11.87 -14.11 -2.49
CA LYS B 57 11.34 -15.42 -2.84
C LYS B 57 12.20 -16.03 -3.94
N PRO B 58 12.15 -17.37 -4.12
CA PRO B 58 12.74 -17.96 -5.31
C PRO B 58 11.91 -17.59 -6.54
N PHE B 59 12.50 -17.74 -7.72
CA PHE B 59 11.89 -17.26 -8.95
C PHE B 59 10.45 -17.73 -9.19
N THR B 60 10.23 -19.04 -9.13
CA THR B 60 8.92 -19.58 -9.44
C THR B 60 7.86 -18.96 -8.53
N GLU B 61 8.18 -18.83 -7.25
CA GLU B 61 7.24 -18.28 -6.28
C GLU B 61 6.99 -16.79 -6.59
N ALA B 62 8.07 -16.08 -6.93
CA ALA B 62 7.99 -14.63 -7.25
C ALA B 62 7.13 -14.41 -8.49
N GLN B 63 7.40 -15.20 -9.52
CA GLN B 63 6.64 -15.17 -10.75
C GLN B 63 5.15 -15.36 -10.48
N LEU B 64 4.82 -16.38 -9.69
CA LEU B 64 3.43 -16.64 -9.33
C LEU B 64 2.76 -15.49 -8.60
N LEU B 65 3.46 -14.90 -7.63
CA LEU B 65 2.91 -13.73 -6.93
C LEU B 65 2.52 -12.63 -7.90
N CYS B 66 3.42 -12.30 -8.82
CA CYS B 66 3.15 -11.22 -9.74
C CYS B 66 2.01 -11.55 -10.68
N THR B 67 2.00 -12.77 -11.22
CA THR B 67 1.01 -13.09 -12.26
C THR B 67 -0.38 -13.18 -11.62
N GLN B 68 -0.45 -13.74 -10.40
CA GLN B 68 -1.71 -13.82 -9.66
C GLN B 68 -2.28 -12.46 -9.29
N ALA B 69 -1.39 -11.50 -9.06
CA ALA B 69 -1.75 -10.11 -8.79
C ALA B 69 -2.16 -9.33 -10.07
N GLY B 70 -2.11 -9.97 -11.24
CA GLY B 70 -2.47 -9.29 -12.47
C GLY B 70 -1.34 -8.54 -13.17
N GLY B 71 -0.11 -8.85 -12.77
CA GLY B 71 1.06 -8.20 -13.37
C GLY B 71 2.04 -9.27 -13.80
N GLN B 72 3.32 -8.92 -13.73
CA GLN B 72 4.40 -9.86 -14.04
C GLN B 72 5.68 -9.42 -13.34
N LEU B 73 6.67 -10.30 -13.25
CA LEU B 73 7.94 -9.89 -12.67
C LEU B 73 8.51 -8.69 -13.44
N ALA B 74 9.26 -7.86 -12.73
CA ALA B 74 9.90 -6.68 -13.30
C ALA B 74 10.61 -7.00 -14.63
N SER B 75 10.29 -6.24 -15.68
CA SER B 75 10.77 -6.51 -17.04
C SER B 75 11.25 -5.21 -17.70
N PRO B 76 12.38 -4.66 -17.23
CA PRO B 76 12.81 -3.35 -17.76
C PRO B 76 13.21 -3.44 -19.22
N ARG B 77 12.59 -2.59 -20.04
CA ARG B 77 12.69 -2.66 -21.51
C ARG B 77 13.47 -1.50 -22.09
N SER B 78 14.00 -0.67 -21.21
CA SER B 78 14.79 0.50 -21.57
C SER B 78 15.67 0.90 -20.41
N ALA B 79 16.69 1.72 -20.69
CA ALA B 79 17.55 2.25 -19.65
C ALA B 79 16.79 3.02 -18.59
N ALA B 80 15.78 3.78 -19.02
CA ALA B 80 14.93 4.53 -18.13
C ALA B 80 14.16 3.61 -17.17
N GLU B 81 13.58 2.55 -17.71
CA GLU B 81 12.89 1.57 -16.87
C GLU B 81 13.87 0.89 -15.92
N ASN B 82 15.05 0.55 -16.42
CA ASN B 82 16.06 -0.09 -15.60
C ASN B 82 16.46 0.80 -14.44
N ALA B 83 16.63 2.09 -14.70
CA ALA B 83 17.02 3.05 -13.65
C ALA B 83 15.92 3.19 -12.59
N ALA B 84 14.66 3.19 -13.05
CA ALA B 84 13.54 3.26 -12.13
C ALA B 84 13.51 2.05 -11.19
N LEU B 85 13.66 0.85 -11.76
CA LEU B 85 13.74 -0.38 -11.00
C LEU B 85 14.92 -0.33 -10.02
N GLN B 86 16.07 0.14 -10.51
CA GLN B 86 17.24 0.25 -9.65
C GLN B 86 16.93 1.09 -8.41
N GLN B 87 16.13 2.14 -8.55
CA GLN B 87 15.73 2.96 -7.39
C GLN B 87 15.12 2.14 -6.27
N LEU B 88 14.19 1.23 -6.58
CA LEU B 88 13.62 0.33 -5.57
C LEU B 88 14.60 -0.65 -4.98
N VAL B 89 15.47 -1.20 -5.84
CA VAL B 89 16.46 -2.17 -5.42
C VAL B 89 17.39 -1.51 -4.39
N VAL B 90 17.81 -0.30 -4.70
CA VAL B 90 18.69 0.50 -3.85
C VAL B 90 18.00 0.83 -2.53
N ALA B 91 16.76 1.31 -2.64
CA ALA B 91 15.95 1.62 -1.47
C ALA B 91 15.81 0.43 -0.51
N LYS B 92 15.53 -0.75 -1.06
CA LYS B 92 15.41 -1.97 -0.27
C LYS B 92 16.75 -2.64 0.05
N ASN B 93 17.80 -2.22 -0.66
CA ASN B 93 19.14 -2.78 -0.54
C ASN B 93 19.16 -4.31 -0.73
N GLU B 94 18.39 -4.79 -1.70
CA GLU B 94 18.26 -6.21 -1.99
C GLU B 94 18.14 -6.38 -3.50
N ALA B 95 19.09 -7.11 -4.10
CA ALA B 95 18.95 -7.52 -5.51
C ALA B 95 17.60 -8.19 -5.78
N ALA B 96 17.05 -7.95 -6.97
CA ALA B 96 15.74 -8.45 -7.36
C ALA B 96 15.81 -9.35 -8.56
N PHE B 97 14.86 -10.28 -8.67
CA PHE B 97 14.68 -11.02 -9.92
C PHE B 97 14.02 -10.17 -10.98
N LEU B 98 14.45 -10.37 -12.22
CA LEU B 98 13.70 -9.93 -13.37
C LEU B 98 12.84 -11.08 -13.89
N SER B 99 11.99 -10.79 -14.87
CA SER B 99 11.07 -11.83 -15.41
C SER B 99 11.75 -12.81 -16.36
N MET B 100 12.92 -12.42 -16.87
CA MET B 100 13.47 -13.06 -18.07
C MET B 100 14.34 -14.29 -17.74
N THR B 101 14.27 -15.30 -18.60
CA THR B 101 15.00 -16.57 -18.37
C THR B 101 15.49 -17.16 -19.69
N ASP B 102 16.51 -18.02 -19.61
CA ASP B 102 16.89 -18.87 -20.76
C ASP B 102 16.61 -20.34 -20.45
N SER B 103 15.51 -20.55 -19.74
CA SER B 103 15.08 -21.89 -19.35
C SER B 103 14.70 -22.76 -20.55
N LYS B 104 14.15 -22.14 -21.59
CA LYS B 104 13.74 -22.91 -22.77
C LYS B 104 14.93 -23.26 -23.66
N THR B 105 15.67 -22.24 -24.09
CA THR B 105 16.90 -22.43 -24.85
C THR B 105 18.08 -21.76 -24.15
N GLU B 106 19.02 -22.56 -23.63
CA GLU B 106 20.23 -22.04 -23.00
C GLU B 106 20.91 -20.98 -23.84
N GLY B 107 21.20 -19.83 -23.24
CA GLY B 107 21.89 -18.72 -23.92
C GLY B 107 20.96 -17.70 -24.57
N LYS B 108 19.68 -18.04 -24.67
CA LYS B 108 18.67 -17.18 -25.29
C LYS B 108 17.67 -16.73 -24.24
N PHE B 109 17.88 -15.51 -23.71
CA PHE B 109 16.96 -14.99 -22.69
C PHE B 109 15.71 -14.39 -23.31
N THR B 110 14.55 -14.70 -22.73
CA THR B 110 13.28 -14.23 -23.27
C THR B 110 12.39 -13.67 -22.15
N TYR B 111 11.45 -12.79 -22.53
CA TYR B 111 10.35 -12.40 -21.66
C TYR B 111 9.36 -13.57 -21.47
N PRO B 112 8.45 -13.48 -20.47
CA PRO B 112 7.40 -14.50 -20.27
C PRO B 112 6.56 -14.84 -21.53
N THR B 113 6.42 -13.88 -22.43
CA THR B 113 5.73 -14.09 -23.71
C THR B 113 6.50 -14.97 -24.71
N GLY B 114 7.82 -15.00 -24.57
CA GLY B 114 8.69 -15.77 -25.48
C GLY B 114 9.54 -14.89 -26.37
N GLU B 115 9.28 -13.58 -26.30
CA GLU B 115 9.98 -12.54 -27.06
C GLU B 115 11.43 -12.36 -26.57
N SER B 116 12.35 -12.12 -27.50
CA SER B 116 13.77 -11.86 -27.18
C SER B 116 13.97 -10.46 -26.57
N LEU B 117 15.03 -10.27 -25.79
CA LEU B 117 15.26 -8.99 -25.09
C LEU B 117 15.38 -7.76 -26.00
N VAL B 118 14.68 -6.69 -25.66
CA VAL B 118 14.81 -5.43 -26.40
C VAL B 118 15.84 -4.52 -25.72
N TYR B 119 16.27 -4.92 -24.53
CA TYR B 119 17.21 -4.17 -23.71
C TYR B 119 17.86 -5.14 -22.71
N SER B 120 19.13 -4.91 -22.43
CA SER B 120 19.84 -5.62 -21.37
C SER B 120 20.90 -4.71 -20.74
N ASN B 121 21.28 -5.01 -19.51
CA ASN B 121 22.32 -4.25 -18.82
C ASN B 121 23.22 -5.21 -18.04
N TRP B 122 23.71 -6.22 -18.75
CA TRP B 122 24.57 -7.24 -18.18
C TRP B 122 25.86 -6.65 -17.61
N ALA B 123 26.23 -7.10 -16.42
CA ALA B 123 27.56 -6.83 -15.88
C ALA B 123 28.58 -7.49 -16.83
N PRO B 124 29.83 -6.98 -16.83
CA PRO B 124 30.86 -7.55 -17.72
C PRO B 124 31.01 -9.06 -17.51
N GLY B 125 31.07 -9.82 -18.61
CA GLY B 125 31.24 -11.27 -18.51
C GLY B 125 29.94 -12.06 -18.33
N GLU B 126 28.85 -11.35 -18.06
CA GLU B 126 27.55 -11.99 -17.87
C GLU B 126 26.71 -11.87 -19.15
N PRO B 127 25.79 -12.83 -19.39
CA PRO B 127 25.49 -14.02 -18.56
C PRO B 127 26.54 -15.11 -18.77
N ASN B 128 26.84 -15.87 -17.72
CA ASN B 128 27.90 -16.90 -17.81
C ASN B 128 27.43 -18.31 -17.48
N ASP B 129 26.14 -18.48 -17.18
CA ASP B 129 25.60 -19.80 -16.81
C ASP B 129 26.55 -20.50 -15.82
N ASP B 130 26.88 -19.79 -14.75
CA ASP B 130 27.86 -20.29 -13.81
C ASP B 130 27.43 -21.66 -13.26
N GLY B 131 28.38 -22.61 -13.26
CA GLY B 131 28.10 -23.96 -12.78
C GLY B 131 27.17 -24.74 -13.70
N GLY B 132 26.95 -24.21 -14.91
CA GLY B 132 25.98 -24.75 -15.87
C GLY B 132 24.51 -24.71 -15.44
N SER B 133 24.16 -23.79 -14.53
CA SER B 133 22.83 -23.81 -13.92
C SER B 133 22.32 -22.43 -13.47
N GLU B 134 22.52 -21.43 -14.32
CA GLU B 134 21.93 -20.11 -14.08
C GLU B 134 21.00 -19.69 -15.21
N ASP B 135 19.69 -19.76 -14.97
CA ASP B 135 18.72 -19.49 -16.00
C ASP B 135 17.81 -18.31 -15.71
N CYS B 136 17.96 -17.71 -14.53
CA CYS B 136 17.20 -16.54 -14.13
C CYS B 136 18.12 -15.30 -14.13
N VAL B 137 17.57 -14.11 -13.86
CA VAL B 137 18.37 -12.88 -13.94
C VAL B 137 18.10 -12.03 -12.70
N GLU B 138 19.17 -11.55 -12.09
CA GLU B 138 19.03 -10.61 -10.97
C GLU B 138 19.57 -9.23 -11.36
N ILE B 139 18.94 -8.19 -10.83
CA ILE B 139 19.45 -6.83 -10.93
C ILE B 139 20.06 -6.40 -9.59
N PHE B 140 21.30 -5.91 -9.67
CA PHE B 140 22.03 -5.47 -8.48
C PHE B 140 21.69 -4.03 -8.10
N THR B 141 22.20 -3.59 -6.94
CA THR B 141 21.97 -2.19 -6.54
C THR B 141 22.63 -1.15 -7.46
N ASN B 142 23.67 -1.56 -8.19
CA ASN B 142 24.27 -0.71 -9.24
C ASN B 142 23.54 -0.76 -10.57
N GLY B 143 22.43 -1.51 -10.62
CA GLY B 143 21.61 -1.58 -11.82
C GLY B 143 22.04 -2.58 -12.89
N LYS B 144 23.19 -3.22 -12.68
CA LYS B 144 23.66 -4.22 -13.62
C LYS B 144 22.98 -5.55 -13.39
N TRP B 145 22.94 -6.36 -14.45
CA TRP B 145 22.31 -7.67 -14.41
C TRP B 145 23.31 -8.83 -14.34
N ASN B 146 22.87 -9.92 -13.73
CA ASN B 146 23.69 -11.13 -13.64
C ASN B 146 22.75 -12.33 -13.75
N ASP B 147 23.08 -13.32 -14.57
CA ASP B 147 22.30 -14.55 -14.52
C ASP B 147 22.63 -15.28 -13.23
N ARG B 148 21.59 -15.90 -12.66
CA ARG B 148 21.67 -16.51 -11.36
C ARG B 148 20.72 -17.69 -11.30
N ALA B 149 21.03 -18.66 -10.44
CA ALA B 149 20.17 -19.82 -10.22
C ALA B 149 18.77 -19.40 -9.77
N CYS B 150 17.78 -19.94 -10.46
CA CYS B 150 16.37 -19.64 -10.21
C CYS B 150 15.92 -20.04 -8.81
N GLY B 151 16.66 -21.00 -8.24
CA GLY B 151 16.41 -21.48 -6.89
C GLY B 151 16.76 -20.48 -5.79
N GLU B 152 17.63 -19.51 -6.09
CA GLU B 152 18.05 -18.49 -5.11
C GLU B 152 16.87 -17.59 -4.80
N LYS B 153 16.92 -16.92 -3.65
CA LYS B 153 15.84 -16.03 -3.21
C LYS B 153 16.24 -14.58 -3.46
N ARG B 154 15.41 -13.83 -4.17
CA ARG B 154 15.71 -12.44 -4.47
C ARG B 154 14.49 -11.56 -4.21
N LEU B 155 14.70 -10.25 -4.12
CA LEU B 155 13.60 -9.31 -3.87
C LEU B 155 12.53 -9.47 -4.93
N VAL B 156 11.27 -9.54 -4.49
CA VAL B 156 10.13 -9.66 -5.41
C VAL B 156 9.66 -8.26 -5.83
N VAL B 157 9.74 -8.00 -7.13
CA VAL B 157 9.31 -6.73 -7.69
C VAL B 157 8.49 -7.02 -8.93
N CYS B 158 7.24 -6.57 -8.90
CA CYS B 158 6.31 -6.84 -10.02
C CYS B 158 6.14 -5.54 -10.79
N GLU B 159 5.74 -5.66 -12.05
CA GLU B 159 5.35 -4.50 -12.83
C GLU B 159 3.87 -4.61 -13.22
N PHE B 160 3.24 -3.45 -13.26
CA PHE B 160 1.82 -3.28 -13.60
C PHE B 160 1.62 -2.14 -14.59
N SER C 11 -29.83 10.34 -29.11
CA SER C 11 -28.47 9.73 -29.08
C SER C 11 -27.59 10.38 -28.00
N LEU C 12 -27.60 11.70 -27.95
CA LEU C 12 -26.80 12.48 -26.99
C LEU C 12 -27.15 12.21 -25.52
N ARG C 13 -28.46 12.19 -25.21
CA ARG C 13 -28.95 11.90 -23.86
C ARG C 13 -28.58 10.48 -23.41
N GLN C 14 -28.61 9.56 -24.36
CA GLN C 14 -28.25 8.16 -24.16
C GLN C 14 -26.77 8.02 -23.74
N GLN C 15 -25.91 8.82 -24.37
CA GLN C 15 -24.48 8.80 -24.09
C GLN C 15 -24.06 9.61 -22.86
N VAL C 16 -24.84 10.64 -22.54
CA VAL C 16 -24.64 11.41 -21.31
C VAL C 16 -25.01 10.57 -20.09
N GLU C 17 -26.09 9.78 -20.24
CA GLU C 17 -26.55 8.85 -19.23
C GLU C 17 -25.52 7.73 -18.99
N ALA C 18 -24.83 7.32 -20.05
CA ALA C 18 -23.79 6.30 -19.96
C ALA C 18 -22.57 6.88 -19.25
N LEU C 19 -22.19 8.08 -19.65
CA LEU C 19 -21.10 8.84 -19.01
C LEU C 19 -21.41 9.16 -17.54
N GLN C 20 -22.67 9.46 -17.22
CA GLN C 20 -23.08 9.67 -15.82
C GLN C 20 -22.88 8.40 -15.01
N GLY C 21 -23.24 7.26 -15.59
CA GLY C 21 -23.05 5.97 -14.92
C GLY C 21 -21.58 5.66 -14.68
N GLN C 22 -20.73 6.03 -15.63
CA GLN C 22 -19.28 5.82 -15.52
C GLN C 22 -18.72 6.64 -14.36
N VAL C 23 -19.13 7.91 -14.30
CA VAL C 23 -18.62 8.82 -13.27
C VAL C 23 -19.09 8.37 -11.88
N GLN C 24 -20.36 7.99 -11.76
CA GLN C 24 -20.89 7.52 -10.48
C GLN C 24 -20.18 6.26 -10.01
N HIS C 25 -19.93 5.33 -10.95
CA HIS C 25 -19.15 4.12 -10.64
C HIS C 25 -17.77 4.52 -10.15
N LEU C 26 -17.11 5.45 -10.87
CA LEU C 26 -15.79 5.89 -10.47
C LEU C 26 -15.77 6.54 -9.09
N GLN C 27 -16.75 7.39 -8.80
CA GLN C 27 -16.80 8.01 -7.46
C GLN C 27 -16.88 6.97 -6.36
N ALA C 28 -17.71 5.94 -6.58
CA ALA C 28 -17.87 4.89 -5.58
C ALA C 28 -16.59 4.06 -5.47
N ALA C 29 -16.02 3.67 -6.60
CA ALA C 29 -14.81 2.82 -6.57
C ALA C 29 -13.63 3.59 -5.98
N PHE C 30 -13.53 4.87 -6.32
CA PHE C 30 -12.43 5.68 -5.82
C PHE C 30 -12.55 5.84 -4.31
N SER C 31 -13.76 6.07 -3.81
CA SER C 31 -13.93 6.26 -2.38
C SER C 31 -13.54 4.99 -1.59
N GLN C 32 -13.92 3.83 -2.12
CA GLN C 32 -13.57 2.53 -1.54
C GLN C 32 -12.05 2.36 -1.54
N TYR C 33 -11.43 2.66 -2.67
CA TYR C 33 -9.97 2.54 -2.81
C TYR C 33 -9.21 3.45 -1.84
N LYS C 34 -9.73 4.65 -1.58
CA LYS C 34 -9.05 5.56 -0.64
C LYS C 34 -8.96 4.89 0.74
N LYS C 35 -10.04 4.25 1.17
CA LYS C 35 -10.02 3.62 2.49
C LYS C 35 -9.00 2.50 2.52
N VAL C 36 -8.96 1.74 1.43
CA VAL C 36 -8.04 0.62 1.32
C VAL C 36 -6.59 1.14 1.40
N GLU C 37 -6.29 2.19 0.63
CA GLU C 37 -4.94 2.75 0.61
C GLU C 37 -4.49 3.20 2.00
N LEU C 38 -5.34 3.95 2.69
CA LEU C 38 -4.97 4.54 3.99
C LEU C 38 -4.80 3.49 5.09
N PHE C 39 -5.42 2.33 4.90
CA PHE C 39 -5.26 1.24 5.85
C PHE C 39 -3.99 0.41 5.62
N PRO C 40 -3.12 0.30 6.64
CA PRO C 40 -3.10 0.87 7.99
C PRO C 40 -2.08 1.99 8.20
N ASN C 41 -1.45 2.47 7.13
CA ASN C 41 -0.29 3.37 7.25
C ASN C 41 -0.52 4.85 6.91
N GLY C 42 -1.76 5.23 6.58
CA GLY C 42 -2.05 6.62 6.27
C GLY C 42 -3.14 7.26 7.12
N GLN C 43 -3.17 8.58 7.09
CA GLN C 43 -4.17 9.40 7.80
C GLN C 43 -4.46 10.62 6.94
N SER C 44 -5.73 10.81 6.63
CA SER C 44 -6.17 11.97 5.87
C SER C 44 -6.73 13.00 6.85
N VAL C 45 -6.26 14.25 6.73
CA VAL C 45 -6.73 15.38 7.54
C VAL C 45 -6.83 16.63 6.69
N GLY C 46 -8.05 17.16 6.54
CA GLY C 46 -8.27 18.23 5.58
C GLY C 46 -7.85 17.78 4.19
N GLU C 47 -6.97 18.55 3.56
CA GLU C 47 -6.50 18.24 2.21
C GLU C 47 -5.15 17.53 2.23
N LYS C 48 -4.68 17.19 3.43
CA LYS C 48 -3.35 16.62 3.59
C LYS C 48 -3.47 15.13 3.90
N ILE C 49 -2.48 14.36 3.44
CA ILE C 49 -2.40 12.95 3.79
C ILE C 49 -1.02 12.65 4.34
N PHE C 50 -0.98 12.11 5.56
CA PHE C 50 0.25 11.55 6.13
C PHE C 50 0.34 10.06 5.79
N LYS C 51 1.52 9.60 5.43
CA LYS C 51 1.72 8.17 5.29
C LYS C 51 3.08 7.76 5.83
N THR C 52 3.09 6.73 6.67
CA THR C 52 4.36 6.21 7.20
C THR C 52 4.95 5.11 6.33
N ALA C 53 6.28 5.12 6.25
CA ALA C 53 7.02 4.06 5.53
C ALA C 53 7.12 2.81 6.37
N GLY C 54 6.83 2.94 7.67
CA GLY C 54 6.85 1.80 8.59
C GLY C 54 8.24 1.40 9.03
N PHE C 55 9.24 2.22 8.75
CA PHE C 55 10.61 2.01 9.24
C PHE C 55 11.29 3.30 9.67
N VAL C 56 12.42 3.18 10.36
CA VAL C 56 13.15 4.34 10.87
C VAL C 56 14.35 4.69 10.01
N LYS C 57 14.64 5.99 9.91
CA LYS C 57 15.82 6.50 9.23
C LYS C 57 16.36 7.76 9.95
N PRO C 58 17.64 8.11 9.71
CA PRO C 58 18.11 9.40 10.20
C PRO C 58 17.43 10.51 9.39
N PHE C 59 17.49 11.73 9.88
CA PHE C 59 16.75 12.81 9.24
C PHE C 59 17.02 12.98 7.74
N THR C 60 18.29 13.09 7.37
CA THR C 60 18.62 13.35 5.98
C THR C 60 18.05 12.29 5.03
N GLU C 61 18.14 11.02 5.43
CA GLU C 61 17.66 9.89 4.63
C GLU C 61 16.13 9.90 4.58
N ALA C 62 15.50 10.12 5.74
CA ALA C 62 14.04 10.28 5.79
C ALA C 62 13.54 11.41 4.89
N GLN C 63 14.20 12.57 4.95
CA GLN C 63 13.83 13.74 4.15
C GLN C 63 13.93 13.44 2.66
N LEU C 64 14.98 12.72 2.27
CA LEU C 64 15.18 12.37 0.86
C LEU C 64 14.08 11.42 0.38
N LEU C 65 13.75 10.42 1.20
CA LEU C 65 12.64 9.47 0.87
C LEU C 65 11.32 10.20 0.55
N CYS C 66 10.96 11.17 1.39
CA CYS C 66 9.76 11.96 1.16
C CYS C 66 9.85 12.83 -0.09
N THR C 67 10.97 13.53 -0.28
CA THR C 67 11.08 14.44 -1.42
C THR C 67 11.11 13.67 -2.75
N GLN C 68 11.81 12.54 -2.78
CA GLN C 68 11.87 11.68 -3.98
C GLN C 68 10.50 11.09 -4.28
N ALA C 69 9.71 10.81 -3.24
CA ALA C 69 8.32 10.35 -3.42
C ALA C 69 7.36 11.45 -3.89
N GLY C 70 7.85 12.68 -4.01
CA GLY C 70 6.98 13.79 -4.40
C GLY C 70 6.25 14.47 -3.26
N GLY C 71 6.70 14.22 -2.03
CA GLY C 71 6.09 14.88 -0.86
C GLY C 71 7.15 15.58 -0.01
N GLN C 72 6.90 15.63 1.29
CA GLN C 72 7.89 16.11 2.26
C GLN C 72 7.65 15.42 3.59
N LEU C 73 8.60 15.55 4.51
CA LEU C 73 8.42 15.03 5.85
C LEU C 73 7.20 15.69 6.50
N ALA C 74 6.53 14.93 7.35
CA ALA C 74 5.35 15.40 8.09
C ALA C 74 5.57 16.80 8.69
N SER C 75 4.65 17.69 8.37
CA SER C 75 4.77 19.10 8.79
C SER C 75 3.45 19.54 9.42
N PRO C 76 3.13 19.07 10.65
CA PRO C 76 1.83 19.39 11.25
C PRO C 76 1.72 20.88 11.53
N ARG C 77 0.71 21.51 10.91
CA ARG C 77 0.54 22.97 10.93
C ARG C 77 -0.65 23.45 11.77
N SER C 78 -1.25 22.52 12.49
CA SER C 78 -2.42 22.79 13.33
C SER C 78 -2.58 21.63 14.31
N ALA C 79 -3.34 21.85 15.39
CA ALA C 79 -3.67 20.81 16.33
C ALA C 79 -4.34 19.59 15.67
N ALA C 80 -5.20 19.84 14.68
CA ALA C 80 -5.87 18.72 13.98
C ALA C 80 -4.87 17.91 13.17
N GLU C 81 -3.93 18.59 12.51
CA GLU C 81 -2.90 17.86 11.76
C GLU C 81 -2.05 17.08 12.74
N ASN C 82 -1.67 17.70 13.85
CA ASN C 82 -0.84 17.00 14.81
C ASN C 82 -1.49 15.71 15.37
N ALA C 83 -2.79 15.76 15.64
CA ALA C 83 -3.52 14.59 16.17
C ALA C 83 -3.53 13.45 15.15
N ALA C 84 -3.68 13.80 13.87
CA ALA C 84 -3.72 12.78 12.82
C ALA C 84 -2.37 12.10 12.69
N LEU C 85 -1.31 12.90 12.67
CA LEU C 85 0.04 12.37 12.67
C LEU C 85 0.29 11.48 13.89
N GLN C 86 -0.13 11.96 15.06
CA GLN C 86 0.05 11.25 16.32
C GLN C 86 -0.56 9.83 16.25
N GLN C 87 -1.69 9.71 15.55
CA GLN C 87 -2.29 8.39 15.29
C GLN C 87 -1.34 7.37 14.67
N LEU C 88 -0.56 7.80 13.67
CA LEU C 88 0.42 6.92 13.06
C LEU C 88 1.56 6.53 13.99
N VAL C 89 2.03 7.52 14.76
CA VAL C 89 3.10 7.33 15.74
C VAL C 89 2.69 6.33 16.81
N VAL C 90 1.48 6.52 17.34
CA VAL C 90 0.85 5.59 18.32
C VAL C 90 0.68 4.18 17.74
N ALA C 91 0.13 4.09 16.53
CA ALA C 91 -0.03 2.79 15.86
C ALA C 91 1.28 2.01 15.68
N LYS C 92 2.34 2.71 15.28
CA LYS C 92 3.64 2.08 15.07
C LYS C 92 4.49 2.01 16.35
N ASN C 93 4.05 2.72 17.38
CA ASN C 93 4.81 2.86 18.65
C ASN C 93 6.27 3.28 18.41
N GLU C 94 6.43 4.26 17.52
CA GLU C 94 7.74 4.80 17.19
C GLU C 94 7.64 6.31 16.97
N ALA C 95 8.32 7.09 17.79
CA ALA C 95 8.43 8.52 17.51
C ALA C 95 8.97 8.76 16.10
N ALA C 96 8.46 9.84 15.46
CA ALA C 96 8.73 10.23 14.08
C ALA C 96 9.44 11.56 13.96
N PHE C 97 10.23 11.71 12.90
CA PHE C 97 10.75 13.03 12.54
C PHE C 97 9.66 13.89 11.91
N LEU C 98 9.67 15.16 12.27
CA LEU C 98 8.97 16.22 11.55
C LEU C 98 9.90 16.81 10.50
N SER C 99 9.38 17.69 9.65
CA SER C 99 10.22 18.28 8.60
C SER C 99 11.14 19.40 9.07
N MET C 100 10.82 19.98 10.23
CA MET C 100 11.31 21.30 10.62
C MET C 100 12.65 21.22 11.37
N THR C 101 13.52 22.21 11.15
CA THR C 101 14.85 22.21 11.76
C THR C 101 15.25 23.63 12.14
N ASP C 102 16.20 23.76 13.06
CA ASP C 102 16.85 25.06 13.24
C ASP C 102 18.32 24.99 12.80
N SER C 103 18.57 24.24 11.73
CA SER C 103 19.92 24.06 11.19
C SER C 103 20.53 25.38 10.69
N LYS C 104 19.68 26.27 10.19
CA LYS C 104 20.13 27.56 9.63
C LYS C 104 20.46 28.59 10.72
N THR C 105 19.47 28.88 11.57
CA THR C 105 19.64 29.82 12.68
C THR C 105 19.25 29.10 13.98
N GLU C 106 20.24 28.84 14.82
CA GLU C 106 20.00 28.14 16.09
C GLU C 106 18.89 28.83 16.87
N GLY C 107 17.93 28.03 17.35
CA GLY C 107 16.82 28.52 18.17
C GLY C 107 15.63 29.05 17.40
N LYS C 108 15.70 28.99 16.07
CA LYS C 108 14.61 29.42 15.21
C LYS C 108 14.26 28.28 14.27
N PHE C 109 13.19 27.57 14.59
CA PHE C 109 12.75 26.44 13.75
C PHE C 109 11.98 26.90 12.52
N THR C 110 12.25 26.22 11.39
CA THR C 110 11.65 26.56 10.10
C THR C 110 11.22 25.31 9.33
N TYR C 111 10.24 25.49 8.45
CA TYR C 111 9.86 24.49 7.47
C TYR C 111 10.92 24.39 6.38
N PRO C 112 10.90 23.33 5.53
CA PRO C 112 11.97 23.17 4.53
C PRO C 112 12.10 24.38 3.58
N THR C 113 11.01 25.11 3.39
CA THR C 113 10.96 26.30 2.53
C THR C 113 11.65 27.52 3.15
N GLY C 114 11.91 27.47 4.45
CA GLY C 114 12.54 28.58 5.16
C GLY C 114 11.58 29.40 6.02
N GLU C 115 10.29 29.19 5.80
CA GLU C 115 9.20 29.82 6.55
C GLU C 115 9.30 29.46 8.05
N SER C 116 9.01 30.43 8.91
CA SER C 116 8.97 30.20 10.35
C SER C 116 7.72 29.42 10.75
N LEU C 117 7.75 28.77 11.91
CA LEU C 117 6.64 27.91 12.36
C LEU C 117 5.34 28.69 12.61
N VAL C 118 4.23 28.16 12.11
CA VAL C 118 2.90 28.75 12.31
C VAL C 118 2.12 27.97 13.37
N TYR C 119 2.72 26.89 13.86
CA TYR C 119 2.15 26.05 14.92
C TYR C 119 3.30 25.27 15.56
N SER C 120 3.22 25.06 16.87
CA SER C 120 4.15 24.22 17.59
C SER C 120 3.43 23.46 18.69
N ASN C 121 4.02 22.34 19.11
CA ASN C 121 3.47 21.54 20.19
C ASN C 121 4.58 20.93 21.07
N TRP C 122 5.53 21.76 21.47
CA TRP C 122 6.69 21.33 22.23
C TRP C 122 6.36 20.75 23.61
N ALA C 123 7.07 19.70 23.99
CA ALA C 123 6.98 19.16 25.33
C ALA C 123 7.58 20.22 26.27
N PRO C 124 7.22 20.15 27.56
CA PRO C 124 7.72 21.11 28.55
C PRO C 124 9.25 21.23 28.50
N GLY C 125 9.75 22.46 28.46
CA GLY C 125 11.21 22.69 28.46
C GLY C 125 11.87 22.64 27.10
N GLU C 126 11.12 22.21 26.09
CA GLU C 126 11.63 22.06 24.72
C GLU C 126 11.23 23.26 23.84
N PRO C 127 12.02 23.56 22.80
CA PRO C 127 13.28 22.89 22.43
C PRO C 127 14.44 23.39 23.32
N ASN C 128 15.39 22.51 23.64
CA ASN C 128 16.51 22.84 24.54
C ASN C 128 17.92 22.66 23.95
N ASP C 129 18.02 22.32 22.67
CA ASP C 129 19.33 22.13 22.01
C ASP C 129 20.29 21.37 22.92
N ASP C 130 19.82 20.22 23.40
CA ASP C 130 20.56 19.47 24.40
C ASP C 130 21.95 19.11 23.88
N GLY C 131 22.96 19.32 24.72
CA GLY C 131 24.33 19.08 24.32
C GLY C 131 24.82 20.00 23.22
N GLY C 132 24.04 21.03 22.92
CA GLY C 132 24.36 22.01 21.88
C GLY C 132 24.26 21.44 20.47
N SER C 133 23.45 20.40 20.29
CA SER C 133 23.45 19.67 19.04
C SER C 133 22.12 18.97 18.75
N GLU C 134 21.02 19.70 18.93
CA GLU C 134 19.70 19.18 18.52
C GLU C 134 19.01 20.15 17.59
N ASP C 135 18.98 19.80 16.30
CA ASP C 135 18.46 20.73 15.30
C ASP C 135 17.23 20.17 14.56
N CYS C 136 16.91 18.90 14.82
CA CYS C 136 15.74 18.22 14.22
C CYS C 136 14.65 18.06 15.27
N VAL C 137 13.46 17.60 14.85
CA VAL C 137 12.33 17.53 15.75
C VAL C 137 11.64 16.17 15.65
N GLU C 138 11.43 15.53 16.80
CA GLU C 138 10.63 14.30 16.88
C GLU C 138 9.28 14.57 17.54
N ILE C 139 8.28 13.78 17.13
CA ILE C 139 6.96 13.80 17.77
C ILE C 139 6.77 12.47 18.50
N PHE C 140 6.39 12.57 19.76
CA PHE C 140 6.21 11.40 20.63
C PHE C 140 4.83 10.76 20.45
N THR C 141 4.64 9.57 21.02
CA THR C 141 3.30 8.95 21.07
C THR C 141 2.23 9.82 21.75
N ASN C 142 2.65 10.73 22.64
CA ASN C 142 1.73 11.72 23.24
C ASN C 142 1.48 12.97 22.40
N GLY C 143 2.02 12.98 21.16
CA GLY C 143 1.86 14.10 20.26
C GLY C 143 2.78 15.29 20.50
N LYS C 144 3.43 15.34 21.66
CA LYS C 144 4.33 16.45 21.96
C LYS C 144 5.64 16.36 21.18
N TRP C 145 6.28 17.51 21.02
CA TRP C 145 7.50 17.58 20.22
C TRP C 145 8.74 17.77 21.09
N ASN C 146 9.86 17.20 20.64
CA ASN C 146 11.14 17.41 21.30
C ASN C 146 12.19 17.62 20.21
N ASP C 147 13.08 18.61 20.40
CA ASP C 147 14.20 18.72 19.46
C ASP C 147 15.20 17.61 19.79
N ARG C 148 15.81 17.06 18.74
CA ARG C 148 16.61 15.84 18.82
C ARG C 148 17.66 15.84 17.74
N ALA C 149 18.77 15.15 17.98
CA ALA C 149 19.90 15.16 17.04
C ALA C 149 19.43 14.57 15.71
N CYS C 150 19.77 15.25 14.63
CA CYS C 150 19.37 14.82 13.27
C CYS C 150 19.90 13.45 12.88
N GLY C 151 20.96 12.99 13.53
CA GLY C 151 21.55 11.70 13.23
C GLY C 151 20.85 10.51 13.86
N GLU C 152 19.92 10.78 14.78
CA GLU C 152 19.15 9.71 15.41
C GLU C 152 18.20 9.14 14.37
N LYS C 153 17.83 7.87 14.55
CA LYS C 153 16.89 7.20 13.63
C LYS C 153 15.46 7.29 14.15
N ARG C 154 14.53 7.80 13.35
CA ARG C 154 13.14 7.92 13.78
C ARG C 154 12.19 7.46 12.68
N LEU C 155 10.95 7.18 13.06
CA LEU C 155 9.95 6.74 12.09
C LEU C 155 9.83 7.74 10.95
N VAL C 156 9.80 7.23 9.71
CA VAL C 156 9.65 8.07 8.53
C VAL C 156 8.17 8.22 8.23
N VAL C 157 7.70 9.46 8.25
CA VAL C 157 6.32 9.76 7.91
C VAL C 157 6.34 10.95 6.97
N CYS C 158 5.74 10.79 5.79
CA CYS C 158 5.72 11.86 4.81
C CYS C 158 4.31 12.43 4.69
N GLU C 159 4.22 13.63 4.13
CA GLU C 159 2.91 14.24 3.83
C GLU C 159 2.78 14.51 2.34
N PHE C 160 1.57 14.28 1.85
CA PHE C 160 1.18 14.50 0.46
C PHE C 160 -0.06 15.36 0.38
#